data_2F8U
#
_entry.id   2F8U
#
_cell.length_a   1.000
_cell.length_b   1.000
_cell.length_c   1.000
_cell.angle_alpha   90.00
_cell.angle_beta   90.00
_cell.angle_gamma   90.00
#
_symmetry.space_group_name_H-M   'P 1'
#
_entity_poly.entity_id   1
_entity_poly.type   'polydeoxyribonucleotide'
_entity_poly.pdbx_seq_one_letter_code
;(DG)(DG)(DG)(DC)(DG)(DC)(DG)(DG)(DG)(DA)(DG)(DG)(DA)(DA)(DT)(DT)(DG)(DG)(DG)(DC)
(DG)(DG)(DG)
;
_entity_poly.pdbx_strand_id   A
#
loop_
_chem_comp.id
_chem_comp.type
_chem_comp.name
_chem_comp.formula
DA DNA linking 2'-DEOXYADENOSINE-5'-MONOPHOSPHATE 'C10 H14 N5 O6 P'
DC DNA linking 2'-DEOXYCYTIDINE-5'-MONOPHOSPHATE 'C9 H14 N3 O7 P'
DG DNA linking 2'-DEOXYGUANOSINE-5'-MONOPHOSPHATE 'C10 H14 N5 O7 P'
DT DNA linking THYMIDINE-5'-MONOPHOSPHATE 'C10 H15 N2 O8 P'
#